data_5E8L
#
_entry.id   5E8L
#
_cell.length_a   63.111
_cell.length_b   97.831
_cell.length_c   109.814
_cell.angle_alpha   90.00
_cell.angle_beta   90.00
_cell.angle_gamma   90.00
#
_symmetry.space_group_name_H-M   'P 21 21 21'
#
_entity_poly.entity_id   1
_entity_poly.type   'polypeptide(L)'
_entity_poly.pdbx_seq_one_letter_code
;MSSFDFMSYIITKAELVNKALDSAVPLREPLKIHEAMRYSLLAGGKRVRPVLCIAACELVGGEESTAMPAACAVEMIHTM
SLIHDDLPCMDNDDLRRGKPTNHKVFGEDVAVLAGDALLSFAFEHLASATSSDVVSPVRVVRAVGELAKAIGTEGLVAGQ
VVDISSEGLDLNDVGLEHLEFIHLHKTAALLEASAVLGAIVGGGSDDEIERLRKFARCIGLLFQVVDDILDVTKSSKELG
KTAGKDLIADKLTYPKIMGLEKSREFAEKLNREARDQLLGFDSDKVAPLLALANYIAYRQNLEHHHHHH
;
_entity_poly.pdbx_strand_id   A,B
#
# COMPACT_ATOMS: atom_id res chain seq x y z
N SER A 3 -18.94 -19.92 31.90
CA SER A 3 -18.71 -20.97 30.91
C SER A 3 -17.79 -20.49 29.78
N PHE A 4 -17.45 -19.19 29.76
CA PHE A 4 -16.66 -18.65 28.63
C PHE A 4 -15.16 -18.90 28.83
N ASP A 5 -14.56 -19.53 27.82
CA ASP A 5 -13.16 -19.85 27.88
C ASP A 5 -12.37 -18.99 26.93
N PHE A 6 -11.57 -18.10 27.49
CA PHE A 6 -10.81 -17.16 26.71
C PHE A 6 -9.81 -17.88 25.82
N MET A 7 -9.16 -18.88 26.39
CA MET A 7 -8.14 -19.63 25.70
C MET A 7 -8.69 -20.44 24.53
N SER A 8 -9.86 -21.03 24.71
CA SER A 8 -10.51 -21.79 23.63
C SER A 8 -10.92 -20.86 22.50
N TYR A 9 -11.37 -19.67 22.90
CA TYR A 9 -11.77 -18.61 21.97
C TYR A 9 -10.59 -18.18 21.11
N ILE A 10 -9.47 -17.90 21.77
CA ILE A 10 -8.33 -17.35 21.09
C ILE A 10 -7.74 -18.39 20.15
N ILE A 11 -7.83 -19.66 20.53
CA ILE A 11 -7.29 -20.68 19.66
C ILE A 11 -8.17 -20.94 18.44
N THR A 12 -9.48 -21.05 18.62
CA THR A 12 -10.27 -21.34 17.42
C THR A 12 -10.25 -20.13 16.48
N LYS A 13 -10.23 -18.92 17.03
CA LYS A 13 -10.20 -17.72 16.18
C LYS A 13 -8.87 -17.63 15.43
N ALA A 14 -7.77 -17.80 16.15
CA ALA A 14 -6.47 -17.79 15.49
C ALA A 14 -6.35 -18.85 14.38
N GLU A 15 -6.71 -20.12 14.63
CA GLU A 15 -6.55 -21.13 13.57
C GLU A 15 -7.47 -20.87 12.37
N LEU A 16 -8.64 -20.29 12.64
CA LEU A 16 -9.52 -19.85 11.56
C LEU A 16 -8.86 -18.76 10.68
N VAL A 17 -8.26 -17.78 11.34
CA VAL A 17 -7.51 -16.75 10.66
C VAL A 17 -6.36 -17.32 9.84
N ASN A 18 -5.54 -18.16 10.44
CA ASN A 18 -4.45 -18.83 9.74
C ASN A 18 -4.89 -19.58 8.45
N LYS A 19 -6.04 -20.25 8.51
CA LYS A 19 -6.52 -20.89 7.30
C LYS A 19 -6.87 -19.85 6.25
N ALA A 20 -7.45 -18.73 6.69
CA ALA A 20 -7.81 -17.66 5.74
C ALA A 20 -6.59 -17.04 5.04
N LEU A 21 -5.51 -16.87 5.82
CA LEU A 21 -4.27 -16.32 5.29
C LEU A 21 -3.66 -17.28 4.27
N ASP A 22 -3.70 -18.58 4.57
CA ASP A 22 -3.22 -19.58 3.60
C ASP A 22 -4.03 -19.57 2.28
N SER A 23 -5.36 -19.47 2.36
CA SER A 23 -6.16 -19.44 1.11
C SER A 23 -5.99 -18.11 0.37
N ALA A 24 -5.59 -17.05 1.07
CA ALA A 24 -5.57 -15.73 0.43
C ALA A 24 -4.28 -15.44 -0.31
N VAL A 25 -3.16 -15.99 0.17
CA VAL A 25 -1.90 -15.88 -0.55
C VAL A 25 -1.42 -17.27 -0.98
N PRO A 26 -2.03 -17.83 -2.03
CA PRO A 26 -1.49 -19.15 -2.38
C PRO A 26 -0.12 -18.98 -3.04
N LEU A 27 0.66 -20.02 -3.20
CA LEU A 27 1.91 -19.80 -3.91
C LEU A 27 1.72 -20.19 -5.36
N ARG A 28 2.11 -19.29 -6.25
CA ARG A 28 1.99 -19.46 -7.69
C ARG A 28 2.64 -18.27 -8.34
N GLU A 29 2.43 -18.12 -9.65
CA GLU A 29 3.00 -17.02 -10.43
C GLU A 29 4.48 -16.89 -10.18
N PRO A 30 5.00 -15.62 -9.90
CA PRO A 30 6.45 -15.65 -9.64
C PRO A 30 6.65 -16.09 -8.21
N LEU A 31 7.15 -17.29 -8.04
CA LEU A 31 7.30 -17.92 -6.75
C LEU A 31 8.18 -17.38 -5.69
N LYS A 32 9.39 -16.94 -6.00
CA LYS A 32 10.23 -16.49 -4.93
C LYS A 32 9.53 -15.44 -4.12
N ILE A 33 8.81 -14.54 -4.77
CA ILE A 33 8.08 -13.53 -4.04
C ILE A 33 6.97 -14.12 -3.19
N HIS A 34 6.20 -15.05 -3.72
CA HIS A 34 5.13 -15.67 -2.94
C HIS A 34 5.63 -16.55 -1.77
N GLU A 35 6.77 -17.24 -1.93
CA GLU A 35 7.28 -18.01 -0.81
C GLU A 35 7.82 -17.02 0.22
N ALA A 36 8.29 -15.87 -0.27
CA ALA A 36 8.77 -14.83 0.65
C ALA A 36 7.62 -14.26 1.47
N MET A 37 6.52 -13.94 0.82
CA MET A 37 5.35 -13.46 1.53
C MET A 37 4.87 -14.53 2.52
N ARG A 38 4.59 -15.73 2.00
CA ARG A 38 4.02 -16.82 2.82
C ARG A 38 4.88 -17.16 4.02
N TYR A 39 6.19 -17.02 3.88
CA TYR A 39 7.11 -17.39 4.94
C TYR A 39 6.82 -16.55 6.17
N SER A 40 6.67 -15.25 5.99
CA SER A 40 6.46 -14.36 7.13
C SER A 40 5.00 -14.30 7.56
N LEU A 41 4.12 -14.39 6.57
CA LEU A 41 2.70 -14.28 6.81
C LEU A 41 2.16 -15.50 7.53
N LEU A 42 2.68 -16.68 7.22
CA LEU A 42 2.13 -17.89 7.81
C LEU A 42 3.01 -18.45 8.90
N ALA A 43 3.77 -17.56 9.54
CA ALA A 43 4.63 -17.94 10.64
C ALA A 43 3.86 -17.99 11.98
N GLY A 44 2.54 -18.16 11.89
CA GLY A 44 1.72 -18.21 13.08
C GLY A 44 1.77 -16.90 13.88
N GLY A 45 1.45 -17.01 15.16
CA GLY A 45 1.35 -15.84 16.02
C GLY A 45 0.08 -15.85 16.84
N LYS A 46 0.01 -14.95 17.82
CA LYS A 46 -1.21 -14.80 18.60
C LYS A 46 -2.32 -14.25 17.70
N ARG A 47 -1.93 -13.58 16.61
CA ARG A 47 -2.88 -13.03 15.65
C ARG A 47 -3.85 -12.07 16.34
N VAL A 48 -3.35 -11.26 17.25
CA VAL A 48 -4.23 -10.42 18.05
C VAL A 48 -4.98 -9.38 17.22
N ARG A 49 -4.37 -8.88 16.15
CA ARG A 49 -5.05 -7.85 15.36
C ARG A 49 -6.23 -8.40 14.55
N PRO A 50 -6.02 -9.48 13.77
CA PRO A 50 -7.21 -10.03 13.12
C PRO A 50 -8.28 -10.54 14.09
N VAL A 51 -7.86 -11.10 15.24
CA VAL A 51 -8.86 -11.63 16.16
C VAL A 51 -9.69 -10.50 16.75
N LEU A 52 -9.01 -9.41 17.08
CA LEU A 52 -9.68 -8.19 17.51
C LEU A 52 -10.64 -7.64 16.45
N CYS A 53 -10.26 -7.72 15.17
CA CYS A 53 -11.16 -7.25 14.13
C CYS A 53 -12.44 -8.11 13.95
N ILE A 54 -12.28 -9.44 14.01
CA ILE A 54 -13.44 -10.35 14.00
C ILE A 54 -14.33 -10.15 15.23
N ALA A 55 -13.68 -9.98 16.38
CA ALA A 55 -14.37 -9.68 17.62
C ALA A 55 -15.22 -8.40 17.51
N ALA A 56 -14.61 -7.35 16.97
CA ALA A 56 -15.29 -6.07 16.85
C ALA A 56 -16.47 -6.19 15.87
N CYS A 57 -16.30 -7.00 14.83
CA CYS A 57 -17.40 -7.23 13.89
C CYS A 57 -18.57 -7.97 14.56
N GLU A 58 -18.27 -9.06 15.28
CA GLU A 58 -19.31 -9.84 15.96
C GLU A 58 -20.06 -9.03 17.01
N LEU A 59 -19.34 -8.24 17.78
CA LEU A 59 -19.96 -7.42 18.82
C LEU A 59 -21.06 -6.49 18.27
N VAL A 60 -20.86 -5.87 17.12
CA VAL A 60 -21.87 -4.95 16.63
C VAL A 60 -22.93 -5.69 15.80
N GLY A 61 -22.83 -7.01 15.75
CA GLY A 61 -23.86 -7.81 15.11
C GLY A 61 -23.52 -8.53 13.82
N GLY A 62 -22.35 -8.28 13.25
CA GLY A 62 -21.96 -8.93 12.01
C GLY A 62 -21.57 -10.38 12.22
N GLU A 63 -21.34 -11.07 11.10
CA GLU A 63 -20.92 -12.47 11.16
C GLU A 63 -19.43 -12.59 11.07
N GLU A 64 -18.92 -13.64 11.71
CA GLU A 64 -17.52 -13.98 11.73
C GLU A 64 -16.87 -13.90 10.32
N SER A 65 -17.59 -14.33 9.28
CA SER A 65 -17.04 -14.40 7.92
C SER A 65 -17.03 -13.06 7.16
N THR A 66 -17.94 -12.15 7.51
CA THR A 66 -18.04 -10.85 6.86
C THR A 66 -16.73 -10.10 6.99
N ALA A 67 -16.12 -10.27 8.15
CA ALA A 67 -14.95 -9.54 8.55
C ALA A 67 -13.65 -10.22 8.16
N MET A 68 -13.70 -11.41 7.55
CA MET A 68 -12.43 -12.11 7.33
C MET A 68 -11.42 -11.37 6.43
N PRO A 69 -11.86 -10.84 5.27
CA PRO A 69 -10.83 -10.16 4.49
C PRO A 69 -10.24 -8.93 5.16
N ALA A 70 -11.01 -8.15 5.91
CA ALA A 70 -10.42 -7.06 6.71
C ALA A 70 -9.36 -7.56 7.70
N ALA A 71 -9.70 -8.63 8.39
CA ALA A 71 -8.79 -9.26 9.36
C ALA A 71 -7.48 -9.72 8.71
N CYS A 72 -7.59 -10.28 7.51
CA CYS A 72 -6.41 -10.69 6.78
C CYS A 72 -5.58 -9.49 6.36
N ALA A 73 -6.28 -8.42 5.96
CA ALA A 73 -5.61 -7.19 5.57
C ALA A 73 -4.76 -6.63 6.74
N VAL A 74 -5.33 -6.51 7.94
CA VAL A 74 -4.49 -5.93 8.98
C VAL A 74 -3.37 -6.90 9.36
N GLU A 75 -3.55 -8.22 9.21
CA GLU A 75 -2.39 -9.04 9.60
C GLU A 75 -1.27 -8.98 8.52
N MET A 76 -1.65 -8.78 7.25
CA MET A 76 -0.67 -8.46 6.20
C MET A 76 0.09 -7.15 6.44
N ILE A 77 -0.61 -6.11 6.88
CA ILE A 77 0.06 -4.85 7.23
C ILE A 77 1.02 -5.11 8.38
N HIS A 78 0.58 -5.92 9.35
CA HIS A 78 1.43 -6.19 10.50
C HIS A 78 2.71 -6.89 10.10
N THR A 79 2.55 -7.91 9.25
CA THR A 79 3.64 -8.69 8.71
C THR A 79 4.60 -7.83 7.93
N MET A 80 4.08 -7.06 6.97
CA MET A 80 4.90 -6.13 6.22
C MET A 80 5.73 -5.17 7.15
N SER A 81 5.11 -4.68 8.23
CA SER A 81 5.82 -3.76 9.11
C SER A 81 6.98 -4.47 9.77
N LEU A 82 6.78 -5.75 10.12
CA LEU A 82 7.88 -6.52 10.69
C LEU A 82 9.00 -6.84 9.67
N ILE A 83 8.63 -7.24 8.44
CA ILE A 83 9.64 -7.50 7.40
C ILE A 83 10.53 -6.27 7.18
N HIS A 84 9.94 -5.07 7.10
CA HIS A 84 10.73 -3.85 6.86
C HIS A 84 11.45 -3.39 8.11
N ASP A 85 10.96 -3.82 9.27
CA ASP A 85 11.73 -3.66 10.51
C ASP A 85 13.04 -4.44 10.56
N ASP A 86 13.01 -5.72 10.28
CA ASP A 86 14.16 -6.59 10.42
C ASP A 86 15.28 -6.26 9.50
N LEU A 87 15.05 -5.41 8.53
CA LEU A 87 16.08 -5.09 7.56
C LEU A 87 17.30 -4.45 8.18
N PRO A 88 18.47 -4.61 7.46
CA PRO A 88 19.66 -4.01 8.08
C PRO A 88 19.62 -2.51 8.31
N CYS A 89 19.03 -1.73 7.46
CA CYS A 89 19.02 -0.30 7.69
C CYS A 89 18.35 -0.02 9.02
N MET A 90 17.40 -0.84 9.40
CA MET A 90 16.74 -0.68 10.68
C MET A 90 16.73 -1.96 11.47
N ASP A 91 16.91 -1.88 12.77
CA ASP A 91 16.85 -3.03 13.65
C ASP A 91 17.96 -4.01 13.42
N ASN A 92 18.01 -4.53 12.21
CA ASN A 92 19.00 -5.51 11.81
C ASN A 92 19.00 -6.87 12.53
N ASP A 93 17.83 -7.41 12.89
CA ASP A 93 17.75 -8.67 13.55
C ASP A 93 17.66 -9.87 12.61
N ASP A 94 18.48 -10.88 12.89
CA ASP A 94 18.52 -12.09 12.10
C ASP A 94 17.58 -13.18 12.54
N LEU A 95 17.04 -13.06 13.75
CA LEU A 95 16.08 -14.07 14.24
C LEU A 95 14.79 -13.43 14.76
N ARG A 96 13.67 -14.00 14.30
CA ARG A 96 12.35 -13.69 14.83
C ARG A 96 11.63 -14.99 15.20
N ARG A 97 11.32 -15.13 16.49
CA ARG A 97 10.60 -16.28 17.05
C ARG A 97 11.34 -17.61 16.86
N GLY A 98 12.66 -17.56 16.66
CA GLY A 98 13.45 -18.78 16.53
C GLY A 98 14.02 -19.05 15.15
N LYS A 99 13.15 -19.08 14.14
CA LYS A 99 13.59 -19.16 12.75
C LYS A 99 14.09 -17.81 12.21
N PRO A 100 15.02 -17.85 11.23
CA PRO A 100 15.66 -16.62 10.72
C PRO A 100 14.73 -15.66 9.97
N THR A 101 15.15 -14.40 9.88
CA THR A 101 14.31 -13.34 9.30
C THR A 101 14.21 -13.47 7.77
N ASN A 102 13.19 -12.83 7.21
CA ASN A 102 12.86 -12.95 5.80
C ASN A 102 14.03 -12.65 4.85
N HIS A 103 14.80 -11.60 5.14
CA HIS A 103 15.94 -11.25 4.28
C HIS A 103 17.19 -12.14 4.49
N LYS A 104 17.20 -12.93 5.56
CA LYS A 104 18.35 -13.80 5.78
C LYS A 104 18.15 -15.09 5.02
N VAL A 105 16.90 -15.36 4.63
CA VAL A 105 16.60 -16.52 3.82
C VAL A 105 16.52 -16.14 2.33
N PHE A 106 15.85 -15.02 2.01
CA PHE A 106 15.67 -14.61 0.60
C PHE A 106 16.43 -13.37 0.13
N GLY A 107 17.03 -12.62 1.04
CA GLY A 107 17.77 -11.41 0.69
C GLY A 107 17.01 -10.13 1.04
N GLU A 108 17.73 -9.03 1.20
CA GLU A 108 17.10 -7.74 1.47
C GLU A 108 16.25 -7.24 0.31
N ASP A 109 16.59 -7.66 -0.90
CA ASP A 109 15.84 -7.30 -2.11
C ASP A 109 14.41 -7.85 -2.16
N VAL A 110 14.31 -9.17 -2.09
CA VAL A 110 13.03 -9.83 -2.07
C VAL A 110 12.28 -9.47 -0.77
N ALA A 111 13.01 -9.18 0.30
CA ALA A 111 12.36 -8.70 1.53
C ALA A 111 11.63 -7.36 1.35
N VAL A 112 12.33 -6.34 0.87
CA VAL A 112 11.68 -5.04 0.58
C VAL A 112 10.47 -5.23 -0.36
N LEU A 113 10.68 -6.04 -1.40
CA LEU A 113 9.61 -6.24 -2.38
C LEU A 113 8.42 -6.99 -1.81
N ALA A 114 8.68 -8.02 -1.01
CA ALA A 114 7.64 -8.81 -0.36
C ALA A 114 6.81 -7.96 0.59
N GLY A 115 7.48 -7.03 1.28
CA GLY A 115 6.78 -6.06 2.10
C GLY A 115 5.85 -5.20 1.26
N ASP A 116 6.35 -4.66 0.16
CA ASP A 116 5.47 -3.87 -0.71
C ASP A 116 4.29 -4.68 -1.26
N ALA A 117 4.54 -5.94 -1.60
CA ALA A 117 3.52 -6.81 -2.16
C ALA A 117 2.42 -7.15 -1.13
N LEU A 118 2.84 -7.30 0.12
CA LEU A 118 1.90 -7.57 1.20
C LEU A 118 1.06 -6.35 1.48
N LEU A 119 1.71 -5.19 1.47
CA LEU A 119 1.02 -3.93 1.69
C LEU A 119 -0.04 -3.68 0.62
N SER A 120 0.28 -3.93 -0.64
CA SER A 120 -0.68 -3.64 -1.70
C SER A 120 -1.75 -4.72 -1.78
N PHE A 121 -1.37 -5.96 -1.53
CA PHE A 121 -2.35 -7.02 -1.55
C PHE A 121 -3.37 -6.84 -0.42
N ALA A 122 -2.94 -6.23 0.68
CA ALA A 122 -3.86 -5.93 1.76
C ALA A 122 -5.08 -5.19 1.24
N PHE A 123 -4.83 -4.13 0.48
CA PHE A 123 -5.88 -3.29 -0.08
C PHE A 123 -6.66 -3.98 -1.16
N GLU A 124 -5.96 -4.70 -2.02
CA GLU A 124 -6.61 -5.44 -3.08
C GLU A 124 -7.62 -6.40 -2.47
N HIS A 125 -7.21 -7.04 -1.38
CA HIS A 125 -8.03 -8.05 -0.71
C HIS A 125 -9.20 -7.42 0.06
N LEU A 126 -8.93 -6.34 0.79
CA LEU A 126 -10.00 -5.64 1.50
C LEU A 126 -11.04 -5.10 0.52
N ALA A 127 -10.58 -4.58 -0.62
CA ALA A 127 -11.49 -3.97 -1.59
C ALA A 127 -12.30 -5.01 -2.40
N SER A 128 -11.63 -6.05 -2.90
CA SER A 128 -12.25 -7.06 -3.78
C SER A 128 -13.00 -8.22 -3.09
N ALA A 129 -12.51 -8.65 -1.92
CA ALA A 129 -12.98 -9.89 -1.28
C ALA A 129 -14.12 -9.64 -0.27
N THR A 130 -14.20 -8.42 0.26
CA THR A 130 -15.31 -7.99 1.08
C THR A 130 -16.57 -8.09 0.22
N SER A 131 -17.54 -8.89 0.66
CA SER A 131 -18.69 -9.19 -0.18
C SER A 131 -19.55 -7.96 -0.41
N SER A 132 -19.98 -7.81 -1.66
CA SER A 132 -20.80 -6.69 -2.07
C SER A 132 -22.24 -6.93 -1.64
N ASP A 133 -22.51 -8.13 -1.13
CA ASP A 133 -23.88 -8.50 -0.81
C ASP A 133 -24.19 -8.36 0.67
N VAL A 134 -23.15 -8.11 1.47
CA VAL A 134 -23.34 -7.75 2.87
C VAL A 134 -22.89 -6.33 3.20
N VAL A 135 -21.82 -5.86 2.56
CA VAL A 135 -21.31 -4.54 2.93
C VAL A 135 -21.44 -3.52 1.81
N SER A 136 -22.08 -2.40 2.11
CA SER A 136 -22.29 -1.37 1.12
C SER A 136 -20.95 -0.81 0.71
N PRO A 137 -20.82 -0.37 -0.56
CA PRO A 137 -19.55 0.20 -1.03
C PRO A 137 -19.08 1.37 -0.18
N VAL A 138 -20.00 2.16 0.35
CA VAL A 138 -19.68 3.31 1.20
C VAL A 138 -18.79 2.90 2.38
N ARG A 139 -19.20 1.82 3.03
CA ARG A 139 -18.47 1.26 4.14
C ARG A 139 -17.13 0.64 3.71
N VAL A 140 -17.06 -0.03 2.55
CA VAL A 140 -15.77 -0.51 2.08
C VAL A 140 -14.79 0.63 1.81
N VAL A 141 -15.28 1.72 1.23
CA VAL A 141 -14.46 2.90 1.01
C VAL A 141 -13.95 3.50 2.33
N ARG A 142 -14.86 3.63 3.30
CA ARG A 142 -14.48 4.14 4.60
C ARG A 142 -13.41 3.23 5.23
N ALA A 143 -13.54 1.93 5.02
CA ALA A 143 -12.60 0.95 5.57
C ALA A 143 -11.20 1.12 4.98
N VAL A 144 -11.16 1.29 3.66
CA VAL A 144 -9.90 1.47 2.99
C VAL A 144 -9.22 2.71 3.55
N GLY A 145 -9.96 3.81 3.61
CA GLY A 145 -9.44 5.04 4.15
C GLY A 145 -8.86 4.87 5.54
N GLU A 146 -9.57 4.16 6.41
CA GLU A 146 -9.06 3.92 7.77
C GLU A 146 -7.78 3.06 7.81
N LEU A 147 -7.73 2.01 7.02
CA LEU A 147 -6.52 1.18 7.06
C LEU A 147 -5.31 1.96 6.55
N ALA A 148 -5.53 2.74 5.50
CA ALA A 148 -4.47 3.54 4.94
C ALA A 148 -3.99 4.60 5.94
N LYS A 149 -4.92 5.38 6.52
CA LYS A 149 -4.58 6.36 7.55
C LYS A 149 -3.76 5.73 8.66
N ALA A 150 -4.17 4.54 9.05
CA ALA A 150 -3.47 3.82 10.11
C ALA A 150 -2.02 3.47 9.78
N ILE A 151 -1.71 3.20 8.53
CA ILE A 151 -0.31 2.82 8.30
C ILE A 151 0.63 3.98 7.95
N GLY A 152 0.08 5.08 7.46
CA GLY A 152 0.86 6.20 6.97
C GLY A 152 1.46 7.09 8.03
N THR A 153 1.58 8.38 7.71
CA THR A 153 2.28 9.30 8.61
C THR A 153 1.45 9.79 9.76
N GLU A 154 0.25 9.28 9.94
CA GLU A 154 -0.44 9.52 11.20
C GLU A 154 -0.58 8.22 11.99
N GLY A 155 0.18 7.21 11.58
CA GLY A 155 0.11 5.93 12.23
C GLY A 155 1.43 5.24 12.21
N LEU A 156 1.44 4.02 11.69
CA LEU A 156 2.57 3.12 11.80
C LEU A 156 3.92 3.69 11.39
N VAL A 157 3.96 4.30 10.22
CA VAL A 157 5.22 4.83 9.72
C VAL A 157 5.78 6.01 10.56
N ALA A 158 4.93 6.94 10.99
CA ALA A 158 5.37 8.02 11.89
C ALA A 158 5.99 7.49 13.16
N GLY A 159 5.43 6.39 13.67
CA GLY A 159 5.94 5.77 14.86
C GLY A 159 7.29 5.15 14.57
N GLN A 160 7.48 4.49 13.44
CA GLN A 160 8.78 3.94 13.12
C GLN A 160 9.88 4.95 12.86
N VAL A 161 9.58 6.06 12.20
CA VAL A 161 10.61 7.07 11.97
C VAL A 161 11.09 7.73 13.22
N VAL A 162 10.17 8.05 14.10
CA VAL A 162 10.49 8.69 15.35
C VAL A 162 11.23 7.76 16.29
N ASP A 163 11.12 6.48 16.06
CA ASP A 163 11.75 5.50 16.91
C ASP A 163 13.23 5.47 16.62
N ILE A 164 13.71 6.44 15.85
CA ILE A 164 15.12 6.58 15.52
C ILE A 164 15.63 8.02 15.42
N SER A 165 16.81 8.32 15.94
CA SER A 165 17.36 9.67 15.77
C SER A 165 18.74 9.96 16.41
N VAL A 174 13.31 11.90 25.23
CA VAL A 174 13.73 12.55 26.48
C VAL A 174 12.63 12.45 27.57
N GLY A 175 11.35 12.59 27.20
CA GLY A 175 10.28 12.60 28.19
C GLY A 175 9.01 11.81 27.86
N LEU A 176 7.96 11.99 28.64
CA LEU A 176 6.75 11.19 28.54
C LEU A 176 6.00 11.22 27.22
N GLU A 177 5.80 12.39 26.66
CA GLU A 177 4.96 12.40 25.47
C GLU A 177 5.72 11.95 24.25
N HIS A 178 7.03 11.89 24.34
CA HIS A 178 7.79 11.27 23.29
C HIS A 178 7.49 9.76 23.24
N LEU A 179 7.48 9.15 24.43
CA LEU A 179 7.24 7.72 24.58
C LEU A 179 5.82 7.37 24.15
N GLU A 180 4.87 8.13 24.65
CA GLU A 180 3.50 7.88 24.31
C GLU A 180 3.31 8.09 22.80
N PHE A 181 4.03 9.05 22.22
CA PHE A 181 3.91 9.25 20.78
C PHE A 181 4.27 7.97 20.03
N ILE A 182 5.45 7.43 20.37
CA ILE A 182 5.94 6.25 19.67
C ILE A 182 4.97 5.10 19.86
N HIS A 183 4.38 4.99 21.04
CA HIS A 183 3.50 3.83 21.22
C HIS A 183 2.09 4.01 20.65
N LEU A 184 1.57 5.23 20.59
CA LEU A 184 0.29 5.48 19.96
C LEU A 184 0.36 5.26 18.46
N HIS A 185 1.53 5.50 17.87
CA HIS A 185 1.62 5.29 16.44
C HIS A 185 2.12 3.87 16.05
N LYS A 186 3.20 3.37 16.68
CA LYS A 186 3.74 2.06 16.29
C LYS A 186 2.83 0.87 16.63
N THR A 187 2.14 0.96 17.76
CA THR A 187 1.32 -0.15 18.24
C THR A 187 -0.17 0.13 18.13
N ALA A 188 -0.60 1.27 18.67
CA ALA A 188 -2.03 1.50 18.83
C ALA A 188 -2.75 1.80 17.51
N ALA A 189 -2.06 2.40 16.55
CA ALA A 189 -2.69 2.81 15.29
C ALA A 189 -3.26 1.61 14.51
N LEU A 190 -2.52 0.51 14.46
CA LEU A 190 -2.99 -0.62 13.69
C LEU A 190 -4.02 -1.46 14.47
N LEU A 191 -3.90 -1.44 15.79
CA LEU A 191 -4.94 -2.00 16.65
C LEU A 191 -6.27 -1.25 16.50
N GLU A 192 -6.20 0.06 16.49
CA GLU A 192 -7.37 0.91 16.23
C GLU A 192 -7.95 0.58 14.88
N ALA A 193 -7.10 0.49 13.87
CA ALA A 193 -7.58 0.12 12.53
C ALA A 193 -8.30 -1.23 12.58
N SER A 194 -7.77 -2.20 13.33
CA SER A 194 -8.42 -3.51 13.41
C SER A 194 -9.80 -3.48 14.04
N ALA A 195 -9.92 -2.85 15.21
CA ALA A 195 -11.22 -2.72 15.87
C ALA A 195 -12.21 -1.94 15.01
N VAL A 196 -11.76 -0.78 14.53
CA VAL A 196 -12.59 0.08 13.70
C VAL A 196 -13.05 -0.59 12.38
N LEU A 197 -12.16 -1.25 11.63
CA LEU A 197 -12.57 -2.00 10.43
C LEU A 197 -13.63 -3.05 10.73
N GLY A 198 -13.39 -3.86 11.77
CA GLY A 198 -14.40 -4.82 12.20
C GLY A 198 -15.75 -4.15 12.43
N ALA A 199 -15.77 -3.06 13.17
CA ALA A 199 -17.02 -2.36 13.43
C ALA A 199 -17.67 -1.83 12.15
N ILE A 200 -16.86 -1.25 11.26
CA ILE A 200 -17.37 -0.70 10.02
C ILE A 200 -18.01 -1.76 9.13
N VAL A 201 -17.29 -2.82 8.80
CA VAL A 201 -17.87 -3.77 7.85
C VAL A 201 -18.92 -4.64 8.51
N GLY A 202 -18.89 -4.72 9.84
CA GLY A 202 -19.91 -5.41 10.60
C GLY A 202 -21.21 -4.66 10.79
N GLY A 203 -21.30 -3.44 10.29
CA GLY A 203 -22.57 -2.74 10.32
C GLY A 203 -22.75 -1.80 11.50
N GLY A 204 -21.68 -1.51 12.20
CA GLY A 204 -21.73 -0.64 13.36
C GLY A 204 -22.05 0.81 13.08
N SER A 205 -22.66 1.45 14.07
CA SER A 205 -23.03 2.85 13.96
C SER A 205 -21.84 3.72 14.29
N ASP A 206 -21.93 5.01 14.01
CA ASP A 206 -20.82 5.92 14.24
C ASP A 206 -20.36 5.88 15.70
N ASP A 207 -21.31 5.91 16.63
CA ASP A 207 -20.99 5.88 18.06
C ASP A 207 -20.28 4.60 18.51
N GLU A 208 -20.76 3.48 18.00
CA GLU A 208 -20.08 2.21 18.25
C GLU A 208 -18.65 2.19 17.71
N ILE A 209 -18.46 2.62 16.46
CA ILE A 209 -17.13 2.72 15.89
C ILE A 209 -16.20 3.61 16.73
N GLU A 210 -16.71 4.71 17.27
CA GLU A 210 -15.84 5.56 18.10
C GLU A 210 -15.53 4.94 19.48
N ARG A 211 -16.45 4.16 20.02
CA ARG A 211 -16.13 3.49 21.27
C ARG A 211 -15.12 2.35 21.04
N LEU A 212 -15.23 1.64 19.93
CA LEU A 212 -14.23 0.63 19.67
C LEU A 212 -12.88 1.27 19.34
N ARG A 213 -12.88 2.47 18.74
CA ARG A 213 -11.60 3.12 18.50
C ARG A 213 -10.93 3.45 19.84
N LYS A 214 -11.69 4.04 20.77
CA LYS A 214 -11.11 4.39 22.07
C LYS A 214 -10.62 3.15 22.83
N PHE A 215 -11.45 2.11 22.85
CA PHE A 215 -11.05 0.82 23.41
C PHE A 215 -9.70 0.34 22.86
N ALA A 216 -9.58 0.30 21.53
CA ALA A 216 -8.37 -0.25 20.96
C ALA A 216 -7.17 0.61 21.32
N ARG A 217 -7.37 1.93 21.36
CA ARG A 217 -6.28 2.81 21.75
C ARG A 217 -5.81 2.48 23.20
N CYS A 218 -6.76 2.23 24.08
CA CYS A 218 -6.42 1.90 25.46
C CYS A 218 -5.72 0.53 25.58
N ILE A 219 -6.25 -0.55 25.00
CA ILE A 219 -5.50 -1.80 25.17
C ILE A 219 -4.16 -1.77 24.41
N GLY A 220 -4.04 -0.90 23.40
CA GLY A 220 -2.80 -0.73 22.67
C GLY A 220 -1.71 -0.10 23.55
N LEU A 221 -2.04 0.96 24.27
CA LEU A 221 -1.06 1.45 25.25
C LEU A 221 -0.81 0.48 26.40
N LEU A 222 -1.85 -0.25 26.77
CA LEU A 222 -1.78 -1.11 27.92
C LEU A 222 -0.76 -2.21 27.71
N PHE A 223 -0.75 -2.79 26.52
CA PHE A 223 0.24 -3.78 26.17
C PHE A 223 1.67 -3.33 26.52
N GLN A 224 1.93 -2.08 26.18
CA GLN A 224 3.22 -1.46 26.26
C GLN A 224 3.63 -1.08 27.67
N VAL A 225 2.70 -0.51 28.43
CA VAL A 225 2.98 -0.14 29.81
C VAL A 225 3.24 -1.40 30.61
N VAL A 226 2.39 -2.41 30.38
CA VAL A 226 2.54 -3.68 31.09
C VAL A 226 3.81 -4.42 30.68
N ASP A 227 4.17 -4.41 29.41
CA ASP A 227 5.41 -5.07 29.02
C ASP A 227 6.61 -4.36 29.61
N ASP A 228 6.58 -3.02 29.66
CA ASP A 228 7.65 -2.29 30.34
C ASP A 228 7.71 -2.58 31.87
N ILE A 229 6.57 -2.70 32.53
CA ILE A 229 6.53 -3.10 33.95
C ILE A 229 7.03 -4.53 34.22
N LEU A 230 6.62 -5.47 33.39
CA LEU A 230 7.06 -6.85 33.49
C LEU A 230 8.56 -6.99 33.27
N ASP A 231 9.15 -6.14 32.43
CA ASP A 231 10.58 -6.36 32.24
C ASP A 231 11.41 -5.99 33.48
N VAL A 232 10.89 -5.13 34.37
CA VAL A 232 11.64 -4.84 35.60
C VAL A 232 11.05 -5.49 36.85
N THR A 233 10.29 -6.57 36.65
CA THR A 233 9.72 -7.31 37.77
C THR A 233 9.89 -8.81 37.48
N LYS A 234 10.22 -9.11 36.20
CA LYS A 234 10.59 -10.44 35.68
C LYS A 234 9.92 -11.62 36.37
N LEU A 247 15.83 0.72 19.48
CA LEU A 247 16.92 1.67 19.63
C LEU A 247 16.53 2.95 20.39
N ILE A 248 15.27 3.40 20.30
CA ILE A 248 14.80 4.48 21.22
C ILE A 248 13.77 4.01 22.29
N ALA A 249 12.89 3.08 21.94
CA ALA A 249 11.85 2.62 22.87
C ALA A 249 12.33 1.50 23.81
N ASP A 250 13.65 1.29 23.86
CA ASP A 250 14.26 0.27 24.71
C ASP A 250 14.82 0.86 26.03
N LYS A 251 15.54 1.98 25.91
CA LYS A 251 16.05 2.72 27.06
C LYS A 251 14.94 3.50 27.72
N LEU A 252 13.95 3.90 26.93
CA LEU A 252 12.93 4.82 27.42
C LEU A 252 11.69 4.04 27.78
N THR A 253 11.47 3.87 29.07
CA THR A 253 10.42 2.99 29.54
C THR A 253 9.48 3.76 30.45
N TYR A 254 8.28 3.22 30.69
CA TYR A 254 7.33 3.92 31.54
C TYR A 254 7.78 3.95 33.00
N PRO A 255 8.36 2.84 33.51
CA PRO A 255 8.86 2.94 34.89
C PRO A 255 10.03 3.89 35.01
N LYS A 256 10.82 4.12 33.96
CA LYS A 256 11.93 5.07 34.09
C LYS A 256 11.41 6.48 34.26
N ILE A 257 10.44 6.84 33.42
CA ILE A 257 9.88 8.18 33.39
C ILE A 257 8.95 8.49 34.55
N MET A 258 8.00 7.59 34.81
CA MET A 258 6.91 7.81 35.76
C MET A 258 7.23 7.30 37.17
N GLY A 259 8.12 6.31 37.22
CA GLY A 259 8.40 5.50 38.39
C GLY A 259 7.53 4.26 38.31
N LEU A 260 7.68 3.31 39.22
CA LEU A 260 7.07 2.00 39.00
C LEU A 260 5.60 2.01 39.43
N GLU A 261 5.36 2.69 40.55
CA GLU A 261 4.03 2.82 41.12
C GLU A 261 3.10 3.57 40.18
N LYS A 262 3.56 4.72 39.67
CA LYS A 262 2.73 5.52 38.80
C LYS A 262 2.43 4.78 37.48
N SER A 263 3.36 3.94 37.04
CA SER A 263 3.16 3.02 35.90
C SER A 263 2.06 1.99 36.16
N ARG A 264 2.03 1.46 37.38
CA ARG A 264 0.95 0.52 37.74
C ARG A 264 -0.41 1.22 37.84
N GLU A 265 -0.45 2.44 38.38
CA GLU A 265 -1.72 3.17 38.45
C GLU A 265 -2.20 3.52 37.06
N PHE A 266 -1.25 3.90 36.21
CA PHE A 266 -1.52 4.21 34.81
C PHE A 266 -2.13 3.01 34.12
N ALA A 267 -1.50 1.85 34.31
CA ALA A 267 -2.01 0.65 33.67
C ALA A 267 -3.43 0.32 34.17
N GLU A 268 -3.77 0.65 35.41
CA GLU A 268 -5.16 0.34 35.80
C GLU A 268 -6.18 1.43 35.39
N LYS A 269 -5.72 2.68 35.18
CA LYS A 269 -6.61 3.67 34.60
C LYS A 269 -6.97 3.21 33.20
N LEU A 270 -5.96 2.74 32.46
CA LEU A 270 -6.14 2.30 31.09
C LEU A 270 -7.02 1.07 30.97
N ASN A 271 -6.83 0.09 31.85
CA ASN A 271 -7.70 -1.08 31.82
C ASN A 271 -9.13 -0.71 32.17
N ARG A 272 -9.28 0.20 33.12
CA ARG A 272 -10.60 0.74 33.43
C ARG A 272 -11.29 1.45 32.24
N GLU A 273 -10.67 2.47 31.67
CA GLU A 273 -11.21 3.14 30.47
C GLU A 273 -11.54 2.17 29.34
N ALA A 274 -10.72 1.15 29.14
CA ALA A 274 -11.02 0.16 28.14
C ALA A 274 -12.29 -0.59 28.49
N ARG A 275 -12.44 -1.00 29.75
CA ARG A 275 -13.64 -1.73 30.13
C ARG A 275 -14.88 -0.85 30.07
N ASP A 276 -14.72 0.45 30.28
CA ASP A 276 -15.86 1.34 30.27
C ASP A 276 -16.34 1.70 28.85
N GLN A 277 -15.47 1.58 27.85
CA GLN A 277 -15.96 1.80 26.49
C GLN A 277 -16.91 0.70 26.05
N LEU A 278 -16.92 -0.39 26.79
CA LEU A 278 -17.73 -1.53 26.39
C LEU A 278 -19.06 -1.55 27.09
N LEU A 279 -19.28 -0.64 28.05
CA LEU A 279 -20.61 -0.46 28.60
C LEU A 279 -21.36 0.21 27.45
N GLY A 280 -22.59 -0.23 27.16
CA GLY A 280 -23.34 0.42 26.10
C GLY A 280 -23.60 -0.50 24.94
N PHE A 281 -22.65 -1.39 24.66
CA PHE A 281 -22.92 -2.56 23.82
C PHE A 281 -23.62 -3.45 24.81
N ASP A 282 -24.48 -4.35 24.37
CA ASP A 282 -25.11 -5.11 25.42
C ASP A 282 -24.60 -6.54 25.48
N SER A 283 -24.33 -6.93 26.73
CA SER A 283 -24.56 -8.28 27.24
C SER A 283 -23.78 -9.50 26.75
N ASP A 284 -23.79 -9.77 25.45
CA ASP A 284 -23.43 -11.11 25.01
C ASP A 284 -22.05 -11.19 24.42
N LYS A 285 -21.78 -10.24 23.54
CA LYS A 285 -20.59 -10.30 22.72
C LYS A 285 -19.56 -9.33 23.24
N VAL A 286 -19.78 -8.86 24.47
CA VAL A 286 -18.73 -8.10 25.12
C VAL A 286 -17.73 -9.05 25.79
N ALA A 287 -18.15 -10.28 26.02
CA ALA A 287 -17.35 -11.24 26.79
C ALA A 287 -15.92 -11.43 26.28
N PRO A 288 -15.74 -11.65 24.95
CA PRO A 288 -14.35 -11.80 24.50
C PRO A 288 -13.50 -10.54 24.66
N LEU A 289 -14.05 -9.37 24.35
CA LEU A 289 -13.25 -8.15 24.44
C LEU A 289 -12.87 -7.83 25.89
N LEU A 290 -13.81 -8.05 26.80
CA LEU A 290 -13.54 -7.83 28.20
C LEU A 290 -12.43 -8.78 28.65
N ALA A 291 -12.50 -10.03 28.18
CA ALA A 291 -11.51 -11.03 28.56
C ALA A 291 -10.14 -10.62 28.05
N LEU A 292 -10.05 -10.20 26.78
CA LEU A 292 -8.81 -9.71 26.17
C LEU A 292 -8.16 -8.58 26.98
N ALA A 293 -8.99 -7.61 27.38
CA ALA A 293 -8.51 -6.50 28.18
C ALA A 293 -7.90 -6.98 29.48
N ASN A 294 -8.65 -7.82 30.21
CA ASN A 294 -8.13 -8.31 31.49
C ASN A 294 -6.88 -9.14 31.28
N TYR A 295 -6.81 -9.89 30.19
CA TYR A 295 -5.67 -10.74 29.98
C TYR A 295 -4.43 -9.86 29.80
N ILE A 296 -4.50 -8.89 28.88
CA ILE A 296 -3.40 -7.95 28.68
C ILE A 296 -3.02 -7.24 29.97
N ALA A 297 -4.01 -6.83 30.75
CA ALA A 297 -3.76 -6.09 31.98
C ALA A 297 -3.04 -6.90 33.05
N TYR A 298 -3.40 -8.16 33.20
CA TYR A 298 -2.92 -8.88 34.39
C TYR A 298 -2.05 -10.10 34.11
N ARG A 299 -1.44 -10.15 32.92
CA ARG A 299 -0.47 -11.18 32.60
C ARG A 299 0.62 -11.16 33.67
N GLN A 300 1.22 -12.33 33.92
CA GLN A 300 2.23 -12.52 34.97
C GLN A 300 3.33 -13.45 34.42
N SER B 3 -5.76 25.40 -33.66
CA SER B 3 -5.19 24.05 -33.70
C SER B 3 -4.69 23.55 -32.32
N PHE B 4 -4.52 22.23 -32.19
CA PHE B 4 -4.13 21.61 -30.91
C PHE B 4 -2.63 21.61 -30.67
N ASP B 5 -2.23 22.13 -29.51
CA ASP B 5 -0.82 22.20 -29.16
C ASP B 5 -0.46 21.22 -28.05
N PHE B 6 0.26 20.17 -28.42
CA PHE B 6 0.60 19.06 -27.54
C PHE B 6 1.47 19.43 -26.35
N MET B 7 2.50 20.20 -26.64
CA MET B 7 3.40 20.63 -25.61
C MET B 7 2.74 21.63 -24.66
N SER B 8 1.89 22.50 -25.21
CA SER B 8 1.17 23.42 -24.34
C SER B 8 0.28 22.62 -23.38
N TYR B 9 -0.35 21.59 -23.94
CA TYR B 9 -1.21 20.71 -23.17
C TYR B 9 -0.45 20.00 -22.05
N ILE B 10 0.66 19.36 -22.40
CA ILE B 10 1.41 18.58 -21.42
C ILE B 10 2.03 19.46 -20.35
N ILE B 11 2.41 20.69 -20.71
CA ILE B 11 3.02 21.57 -19.73
C ILE B 11 1.96 22.11 -18.73
N THR B 12 0.80 22.53 -19.22
CA THR B 12 -0.22 23.03 -18.28
C THR B 12 -0.70 21.86 -17.37
N LYS B 13 -0.80 20.67 -17.95
CA LYS B 13 -1.23 19.51 -17.19
C LYS B 13 -0.19 19.08 -16.13
N ALA B 14 1.07 18.96 -16.52
CA ALA B 14 2.11 18.61 -15.53
C ALA B 14 2.13 19.64 -14.41
N GLU B 15 2.05 20.92 -14.76
CA GLU B 15 2.11 22.02 -13.78
C GLU B 15 0.95 21.94 -12.78
N LEU B 16 -0.20 21.56 -13.31
CA LEU B 16 -1.40 21.34 -12.52
C LEU B 16 -1.21 20.14 -11.55
N VAL B 17 -0.66 19.05 -12.06
CA VAL B 17 -0.34 17.92 -11.18
C VAL B 17 0.61 18.35 -10.07
N ASN B 18 1.72 18.99 -10.42
CA ASN B 18 2.68 19.49 -9.45
C ASN B 18 2.08 20.32 -8.31
N LYS B 19 1.13 21.20 -8.66
CA LYS B 19 0.42 21.98 -7.64
C LYS B 19 -0.46 21.06 -6.77
N ALA B 20 -1.05 20.04 -7.39
CA ALA B 20 -1.89 19.10 -6.65
C ALA B 20 -1.13 18.27 -5.63
N LEU B 21 0.05 17.78 -6.03
CA LEU B 21 0.92 16.99 -5.19
C LEU B 21 1.52 17.79 -4.03
N ASP B 22 1.93 19.03 -4.32
CA ASP B 22 2.47 19.87 -3.24
C ASP B 22 1.42 20.06 -2.11
N SER B 23 0.19 20.28 -2.51
CA SER B 23 -0.90 20.48 -1.59
C SER B 23 -1.37 19.21 -0.84
N ALA B 24 -1.08 18.02 -1.38
CA ALA B 24 -1.58 16.77 -0.79
C ALA B 24 -0.59 16.22 0.24
N VAL B 25 0.70 16.46 0.00
CA VAL B 25 1.70 16.10 1.00
C VAL B 25 2.45 17.32 1.55
N PRO B 26 1.82 18.10 2.44
CA PRO B 26 2.46 19.29 3.02
C PRO B 26 3.53 18.92 4.05
N LEU B 27 4.31 19.89 4.49
CA LEU B 27 5.29 19.60 5.52
C LEU B 27 4.63 19.79 6.86
N ARG B 28 4.32 18.69 7.50
CA ARG B 28 3.72 18.69 8.79
C ARG B 28 4.68 17.91 9.64
N GLU B 29 4.18 17.27 10.67
CA GLU B 29 5.00 16.50 11.57
C GLU B 29 4.59 15.05 11.50
N PRO B 30 5.53 14.04 11.76
CA PRO B 30 6.90 14.47 12.02
C PRO B 30 7.53 14.87 10.72
N LEU B 31 8.30 15.93 10.76
CA LEU B 31 8.93 16.48 9.59
C LEU B 31 9.92 15.73 8.76
N LYS B 32 10.82 14.97 9.34
CA LYS B 32 11.85 14.35 8.50
C LYS B 32 11.23 13.42 7.45
N ILE B 33 10.15 12.73 7.82
CA ILE B 33 9.49 11.84 6.87
C ILE B 33 8.75 12.65 5.78
N HIS B 34 8.11 13.75 6.14
CA HIS B 34 7.42 14.55 5.15
C HIS B 34 8.42 15.20 4.19
N GLU B 35 9.59 15.55 4.70
CA GLU B 35 10.61 16.08 3.80
C GLU B 35 11.16 14.97 2.91
N ALA B 36 11.21 13.75 3.43
CA ALA B 36 11.67 12.61 2.61
C ALA B 36 10.70 12.30 1.46
N MET B 37 9.41 12.28 1.77
CA MET B 37 8.36 12.08 0.77
C MET B 37 8.35 13.19 -0.27
N ARG B 38 8.27 14.44 0.21
CA ARG B 38 8.21 15.62 -0.66
C ARG B 38 9.41 15.71 -1.58
N TYR B 39 10.52 15.25 -1.08
CA TYR B 39 11.77 15.37 -1.78
C TYR B 39 11.75 14.66 -3.12
N SER B 40 11.25 13.42 -3.11
CA SER B 40 11.17 12.59 -4.30
C SER B 40 9.87 12.86 -5.11
N LEU B 41 8.78 13.15 -4.41
CA LEU B 41 7.50 13.38 -5.07
C LEU B 41 7.45 14.69 -5.88
N LEU B 42 8.11 15.73 -5.36
CA LEU B 42 8.10 17.06 -5.99
C LEU B 42 9.43 17.42 -6.65
N ALA B 43 10.19 16.40 -7.06
CA ALA B 43 11.43 16.60 -7.80
C ALA B 43 11.14 16.76 -9.29
N GLY B 44 9.92 17.15 -9.65
CA GLY B 44 9.52 17.31 -11.03
C GLY B 44 9.56 16.03 -11.84
N GLY B 45 9.64 16.15 -13.16
CA GLY B 45 9.54 14.97 -14.00
C GLY B 45 8.50 15.23 -15.08
N LYS B 46 8.40 14.29 -16.04
CA LYS B 46 7.40 14.42 -17.09
C LYS B 46 5.95 14.26 -16.62
N ARG B 47 5.74 13.49 -15.55
CA ARG B 47 4.41 13.28 -14.99
C ARG B 47 3.41 12.67 -16.00
N VAL B 48 3.90 11.72 -16.79
CA VAL B 48 3.12 11.06 -17.86
C VAL B 48 1.97 10.19 -17.35
N ARG B 49 2.15 9.57 -16.20
CA ARG B 49 1.12 8.72 -15.65
C ARG B 49 -0.07 9.51 -15.14
N PRO B 50 0.17 10.49 -14.26
CA PRO B 50 -1.01 11.28 -13.86
C PRO B 50 -1.66 11.99 -15.03
N VAL B 51 -0.86 12.47 -15.99
CA VAL B 51 -1.43 13.14 -17.15
C VAL B 51 -2.26 12.18 -18.00
N LEU B 52 -1.79 10.96 -18.18
CA LEU B 52 -2.56 9.95 -18.88
C LEU B 52 -3.91 9.71 -18.18
N CYS B 53 -3.89 9.70 -16.85
CA CYS B 53 -5.09 9.48 -16.07
C CYS B 53 -6.11 10.63 -16.21
N ILE B 54 -5.60 11.86 -16.20
CA ILE B 54 -6.45 13.02 -16.43
C ILE B 54 -7.04 13.00 -17.85
N ALA B 55 -6.20 12.69 -18.82
CA ALA B 55 -6.61 12.58 -20.21
C ALA B 55 -7.74 11.59 -20.34
N ALA B 56 -7.56 10.44 -19.71
CA ALA B 56 -8.54 9.39 -19.82
C ALA B 56 -9.86 9.79 -19.15
N CYS B 57 -9.79 10.54 -18.05
CA CYS B 57 -11.01 10.99 -17.40
C CYS B 57 -11.79 11.97 -18.29
N GLU B 58 -11.08 12.94 -18.85
CA GLU B 58 -11.73 13.90 -19.72
C GLU B 58 -12.36 13.24 -20.95
N LEU B 59 -11.65 12.30 -21.59
CA LEU B 59 -12.19 11.59 -22.76
C LEU B 59 -13.55 10.87 -22.57
N VAL B 60 -13.77 10.26 -21.41
CA VAL B 60 -15.00 9.48 -21.18
C VAL B 60 -16.13 10.35 -20.64
N GLY B 61 -15.89 11.66 -20.59
CA GLY B 61 -16.94 12.60 -20.26
C GLY B 61 -16.77 13.28 -18.93
N GLY B 62 -15.79 12.81 -18.15
CA GLY B 62 -15.57 13.35 -16.83
C GLY B 62 -14.88 14.69 -16.83
N GLU B 63 -14.81 15.31 -15.66
CA GLU B 63 -14.17 16.61 -15.50
C GLU B 63 -12.75 16.47 -14.98
N GLU B 64 -11.90 17.40 -15.39
CA GLU B 64 -10.51 17.46 -14.98
C GLU B 64 -10.21 17.28 -13.50
N SER B 65 -11.01 17.93 -12.66
CA SER B 65 -10.75 17.97 -11.24
C SER B 65 -11.12 16.65 -10.59
N THR B 66 -12.03 15.92 -11.23
CA THR B 66 -12.55 14.66 -10.71
C THR B 66 -11.44 13.62 -10.55
N ALA B 67 -10.52 13.61 -11.51
CA ALA B 67 -9.46 12.60 -11.56
C ALA B 67 -8.18 13.02 -10.85
N MET B 68 -8.16 14.23 -10.29
CA MET B 68 -6.93 14.76 -9.72
C MET B 68 -6.37 13.92 -8.53
N PRO B 69 -7.23 13.50 -7.57
CA PRO B 69 -6.67 12.61 -6.53
C PRO B 69 -6.20 11.24 -7.07
N ALA B 70 -6.91 10.64 -8.03
CA ALA B 70 -6.41 9.42 -8.67
C ALA B 70 -5.04 9.61 -9.33
N ALA B 71 -4.89 10.70 -10.08
CA ALA B 71 -3.62 11.01 -10.68
C ALA B 71 -2.50 11.16 -9.64
N CYS B 72 -2.80 11.83 -8.52
CA CYS B 72 -1.79 11.97 -7.46
C CYS B 72 -1.41 10.63 -6.85
N ALA B 73 -2.41 9.75 -6.74
CA ALA B 73 -2.17 8.39 -6.32
C ALA B 73 -1.20 7.67 -7.27
N VAL B 74 -1.43 7.69 -8.58
CA VAL B 74 -0.53 6.92 -9.44
C VAL B 74 0.88 7.53 -9.46
N GLU B 75 0.99 8.84 -9.31
CA GLU B 75 2.33 9.39 -9.33
C GLU B 75 3.05 9.11 -7.99
N MET B 76 2.31 9.07 -6.88
CA MET B 76 2.91 8.65 -5.61
C MET B 76 3.43 7.23 -5.67
N ILE B 77 2.61 6.33 -6.23
CA ILE B 77 3.01 4.93 -6.38
C ILE B 77 4.28 4.82 -7.22
N HIS B 78 4.33 5.65 -8.26
CA HIS B 78 5.46 5.67 -9.16
C HIS B 78 6.73 6.12 -8.40
N THR B 79 6.56 7.13 -7.56
CA THR B 79 7.65 7.65 -6.75
C THR B 79 8.21 6.59 -5.81
N MET B 80 7.33 5.95 -5.04
CA MET B 80 7.75 4.83 -4.21
C MET B 80 8.54 3.79 -5.01
N SER B 81 8.08 3.49 -6.21
CA SER B 81 8.74 2.47 -7.02
C SER B 81 10.16 2.94 -7.37
N LEU B 82 10.34 4.24 -7.59
CA LEU B 82 11.68 4.77 -7.81
C LEU B 82 12.54 4.76 -6.53
N ILE B 83 11.98 5.19 -5.41
CA ILE B 83 12.71 5.20 -4.14
C ILE B 83 13.25 3.82 -3.79
N HIS B 84 12.41 2.80 -3.95
CA HIS B 84 12.79 1.42 -3.66
C HIS B 84 13.64 0.79 -4.76
N ASP B 85 13.53 1.32 -5.98
CA ASP B 85 14.47 0.94 -7.04
C ASP B 85 15.91 1.31 -6.69
N ASP B 86 16.11 2.46 -6.06
CA ASP B 86 17.47 2.98 -5.85
C ASP B 86 18.25 2.38 -4.68
N LEU B 87 17.58 1.68 -3.80
CA LEU B 87 18.23 1.20 -2.61
C LEU B 87 19.44 0.39 -2.85
N PRO B 88 20.37 0.46 -1.84
CA PRO B 88 21.61 -0.29 -2.09
C PRO B 88 21.38 -1.74 -2.29
N CYS B 89 20.48 -2.35 -1.54
CA CYS B 89 20.21 -3.77 -1.72
C CYS B 89 19.58 -3.99 -3.07
N MET B 90 19.01 -2.93 -3.60
CA MET B 90 18.34 -3.03 -4.87
C MET B 90 18.90 -2.11 -5.94
N ASP B 91 19.80 -2.59 -6.78
CA ASP B 91 20.28 -1.74 -7.87
C ASP B 91 20.75 -0.42 -7.33
N ASN B 92 21.64 -0.45 -6.37
CA ASN B 92 22.10 0.75 -5.71
C ASN B 92 22.47 1.83 -6.65
N ASP B 93 21.80 2.97 -6.51
CA ASP B 93 22.09 4.12 -7.35
C ASP B 93 22.31 5.34 -6.53
N ASP B 94 23.52 5.85 -6.60
CA ASP B 94 23.94 7.02 -5.90
C ASP B 94 23.25 8.26 -6.42
N LEU B 95 23.01 8.31 -7.71
CA LEU B 95 22.36 9.47 -8.31
C LEU B 95 21.10 9.17 -9.11
N ARG B 96 20.06 9.93 -8.85
CA ARG B 96 18.79 9.81 -9.54
C ARG B 96 18.59 11.13 -10.21
N ARG B 97 18.27 11.15 -11.50
CA ARG B 97 18.15 12.41 -12.21
C ARG B 97 19.58 12.97 -12.15
N GLY B 98 19.76 14.18 -11.64
CA GLY B 98 21.07 14.74 -11.47
C GLY B 98 21.34 14.90 -9.98
N LYS B 99 20.26 14.90 -9.20
CA LYS B 99 20.27 15.07 -7.77
C LYS B 99 20.71 13.84 -6.99
N PRO B 100 21.12 13.98 -5.74
CA PRO B 100 21.56 12.74 -5.04
C PRO B 100 20.36 11.86 -4.63
N THR B 101 20.47 10.53 -4.51
CA THR B 101 19.25 9.73 -4.26
C THR B 101 18.67 9.92 -2.85
N ASN B 102 17.40 9.55 -2.74
CA ASN B 102 16.62 9.75 -1.52
C ASN B 102 17.28 9.11 -0.31
N HIS B 103 17.78 7.90 -0.46
CA HIS B 103 18.47 7.24 0.65
C HIS B 103 19.89 7.81 0.86
N LYS B 104 20.35 8.66 -0.05
CA LYS B 104 21.66 9.28 0.12
C LYS B 104 21.56 10.60 0.86
N VAL B 105 20.36 11.16 0.91
CA VAL B 105 20.09 12.40 1.64
C VAL B 105 19.61 12.12 3.06
N PHE B 106 18.70 11.16 3.18
CA PHE B 106 18.18 10.74 4.47
C PHE B 106 18.78 9.35 4.59
N GLY B 107 18.52 8.64 5.67
CA GLY B 107 19.05 7.28 5.74
C GLY B 107 18.40 6.35 4.72
N GLU B 108 18.95 5.16 4.54
CA GLU B 108 18.25 4.15 3.75
C GLU B 108 16.95 3.70 4.43
N ASP B 109 16.92 3.83 5.76
CA ASP B 109 15.78 3.50 6.59
C ASP B 109 14.62 4.44 6.32
N VAL B 110 14.93 5.73 6.34
CA VAL B 110 13.95 6.76 6.03
C VAL B 110 13.49 6.62 4.58
N ALA B 111 14.35 6.14 3.68
CA ALA B 111 13.93 5.83 2.30
C ALA B 111 12.89 4.72 2.25
N VAL B 112 13.19 3.58 2.86
CA VAL B 112 12.23 2.50 2.90
C VAL B 112 10.89 2.98 3.50
N LEU B 113 10.97 3.71 4.61
CA LEU B 113 9.74 4.16 5.27
C LEU B 113 8.97 5.19 4.48
N ALA B 114 9.66 6.10 3.79
CA ALA B 114 9.04 7.11 2.92
C ALA B 114 8.30 6.49 1.75
N GLY B 115 8.89 5.43 1.18
CA GLY B 115 8.22 4.66 0.16
C GLY B 115 6.93 4.05 0.72
N ASP B 116 7.01 3.46 1.92
CA ASP B 116 5.81 2.92 2.56
C ASP B 116 4.72 3.98 2.83
N ALA B 117 5.14 5.18 3.22
CA ALA B 117 4.18 6.26 3.51
C ALA B 117 3.52 6.74 2.22
N LEU B 118 4.28 6.76 1.12
CA LEU B 118 3.72 7.16 -0.18
C LEU B 118 2.73 6.13 -0.72
N LEU B 119 3.08 4.85 -0.58
CA LEU B 119 2.21 3.79 -1.03
C LEU B 119 0.91 3.84 -0.27
N SER B 120 0.97 4.13 1.04
CA SER B 120 -0.27 4.10 1.83
C SER B 120 -1.12 5.36 1.60
N PHE B 121 -0.43 6.48 1.44
CA PHE B 121 -1.14 7.71 1.20
C PHE B 121 -1.83 7.68 -0.17
N ALA B 122 -1.26 6.96 -1.14
CA ALA B 122 -1.92 6.80 -2.42
C ALA B 122 -3.36 6.35 -2.21
N PHE B 123 -3.52 5.28 -1.44
CA PHE B 123 -4.85 4.74 -1.17
C PHE B 123 -5.69 5.66 -0.26
N GLU B 124 -5.09 6.23 0.77
CA GLU B 124 -5.86 7.15 1.62
C GLU B 124 -6.40 8.32 0.82
N HIS B 125 -5.59 8.85 -0.06
CA HIS B 125 -5.94 10.02 -0.83
C HIS B 125 -6.93 9.67 -1.91
N LEU B 126 -6.71 8.54 -2.59
CA LEU B 126 -7.63 8.08 -3.63
C LEU B 126 -9.03 7.78 -3.07
N ALA B 127 -9.10 7.17 -1.90
CA ALA B 127 -10.37 6.84 -1.28
C ALA B 127 -11.05 8.03 -0.59
N SER B 128 -10.28 8.82 0.14
CA SER B 128 -10.82 9.91 0.95
C SER B 128 -11.12 11.17 0.18
N ALA B 129 -10.24 11.50 -0.77
CA ALA B 129 -10.26 12.83 -1.37
C ALA B 129 -11.10 12.89 -2.65
N THR B 130 -11.28 11.74 -3.29
CA THR B 130 -12.19 11.59 -4.44
C THR B 130 -13.61 12.01 -4.07
N SER B 131 -14.20 12.90 -4.85
CA SER B 131 -15.48 13.50 -4.48
C SER B 131 -16.56 12.42 -4.41
N SER B 132 -17.36 12.46 -3.34
CA SER B 132 -18.36 11.42 -3.12
C SER B 132 -19.64 11.65 -3.95
N ASP B 133 -19.80 12.84 -4.53
CA ASP B 133 -21.02 13.12 -5.29
C ASP B 133 -20.77 13.27 -6.79
N VAL B 134 -19.51 13.13 -7.22
CA VAL B 134 -19.25 13.02 -8.64
C VAL B 134 -18.94 11.56 -8.94
N VAL B 135 -18.26 10.89 -8.02
CA VAL B 135 -17.92 9.51 -8.23
C VAL B 135 -18.57 8.59 -7.19
N SER B 136 -19.33 7.60 -7.67
CA SER B 136 -20.01 6.67 -6.80
C SER B 136 -19.02 5.79 -6.04
N PRO B 137 -19.38 5.36 -4.81
CA PRO B 137 -18.46 4.46 -4.10
C PRO B 137 -18.15 3.18 -4.86
N VAL B 138 -19.11 2.64 -5.61
CA VAL B 138 -18.85 1.40 -6.35
C VAL B 138 -17.60 1.55 -7.24
N ARG B 139 -17.55 2.66 -7.96
CA ARG B 139 -16.43 2.96 -8.85
C ARG B 139 -15.12 3.25 -8.10
N VAL B 140 -15.21 3.91 -6.94
CA VAL B 140 -14.05 4.13 -6.07
C VAL B 140 -13.47 2.79 -5.56
N VAL B 141 -14.36 1.86 -5.23
CA VAL B 141 -13.94 0.51 -4.82
C VAL B 141 -13.22 -0.20 -5.96
N ARG B 142 -13.80 -0.14 -7.18
CA ARG B 142 -13.17 -0.78 -8.36
C ARG B 142 -11.79 -0.18 -8.59
N ALA B 143 -11.69 1.13 -8.38
CA ALA B 143 -10.43 1.85 -8.54
C ALA B 143 -9.36 1.41 -7.53
N VAL B 144 -9.77 1.28 -6.27
CA VAL B 144 -8.85 0.87 -5.23
C VAL B 144 -8.29 -0.47 -5.67
N GLY B 145 -9.19 -1.36 -6.07
CA GLY B 145 -8.78 -2.65 -6.61
C GLY B 145 -7.83 -2.66 -7.80
N GLU B 146 -8.10 -1.85 -8.83
CA GLU B 146 -7.25 -1.79 -10.01
C GLU B 146 -5.84 -1.26 -9.68
N LEU B 147 -5.79 -0.23 -8.86
CA LEU B 147 -4.50 0.34 -8.47
C LEU B 147 -3.69 -0.66 -7.64
N ALA B 148 -4.40 -1.34 -6.73
CA ALA B 148 -3.74 -2.31 -5.87
C ALA B 148 -3.19 -3.49 -6.68
N LYS B 149 -4.04 -4.06 -7.52
CA LYS B 149 -3.67 -5.12 -8.46
C LYS B 149 -2.46 -4.71 -9.25
N ALA B 150 -2.47 -3.46 -9.69
CA ALA B 150 -1.39 -2.92 -10.49
C ALA B 150 -0.07 -2.88 -9.77
N ILE B 151 -0.09 -2.70 -8.45
CA ILE B 151 1.18 -2.60 -7.71
C ILE B 151 1.74 -3.96 -7.35
N GLY B 152 0.84 -4.92 -7.19
CA GLY B 152 1.17 -6.20 -6.59
C GLY B 152 1.92 -7.15 -7.46
N THR B 153 1.75 -8.44 -7.16
CA THR B 153 2.51 -9.50 -7.79
C THR B 153 1.93 -9.88 -9.14
N GLU B 154 0.91 -9.14 -9.58
CA GLU B 154 0.35 -9.26 -10.91
C GLU B 154 0.68 -7.97 -11.66
N GLY B 155 1.61 -7.22 -11.08
CA GLY B 155 2.03 -5.96 -11.68
C GLY B 155 3.46 -5.61 -11.32
N LEU B 156 3.62 -4.41 -10.79
CA LEU B 156 4.92 -3.79 -10.60
C LEU B 156 5.96 -4.66 -9.90
N VAL B 157 5.57 -5.20 -8.76
CA VAL B 157 6.47 -6.02 -7.95
C VAL B 157 6.88 -7.34 -8.62
N ALA B 158 5.95 -8.01 -9.31
CA ALA B 158 6.30 -9.18 -10.10
C ALA B 158 7.40 -8.84 -11.13
N GLY B 159 7.34 -7.63 -11.67
CA GLY B 159 8.33 -7.15 -12.63
C GLY B 159 9.69 -6.82 -12.01
N GLN B 160 9.69 -6.13 -10.87
CA GLN B 160 10.95 -5.85 -10.21
C GLN B 160 11.61 -7.13 -9.68
N VAL B 161 10.83 -8.15 -9.29
CA VAL B 161 11.46 -9.42 -8.91
C VAL B 161 11.98 -10.21 -10.11
N VAL B 162 11.14 -10.58 -11.09
CA VAL B 162 11.70 -11.36 -12.20
C VAL B 162 12.85 -10.58 -12.91
N ASP B 163 12.99 -9.32 -12.62
CA ASP B 163 14.09 -8.61 -13.24
C ASP B 163 15.39 -8.64 -12.46
N ILE B 164 15.36 -8.35 -11.18
CA ILE B 164 16.60 -8.40 -10.40
C ILE B 164 16.77 -9.77 -9.80
N SER B 165 15.79 -10.61 -10.01
CA SER B 165 15.77 -11.95 -9.49
C SER B 165 15.75 -12.80 -10.73
N SER B 166 15.53 -14.09 -10.53
CA SER B 166 15.75 -15.17 -11.46
C SER B 166 14.56 -15.11 -12.39
N GLU B 167 14.74 -15.53 -13.64
CA GLU B 167 16.01 -15.54 -14.29
C GLU B 167 15.46 -15.64 -15.65
N GLY B 168 16.24 -15.35 -16.67
CA GLY B 168 15.72 -15.45 -18.00
C GLY B 168 16.74 -15.93 -18.97
N LEU B 169 16.27 -16.28 -20.15
CA LEU B 169 17.14 -16.71 -21.20
C LEU B 169 16.84 -15.64 -22.18
N ASP B 170 17.93 -15.05 -22.66
CA ASP B 170 17.98 -13.94 -23.57
C ASP B 170 18.38 -14.37 -24.95
N LEU B 171 18.19 -15.61 -25.27
CA LEU B 171 18.54 -16.08 -26.57
C LEU B 171 17.50 -15.44 -27.44
N ASN B 172 17.84 -15.18 -28.68
CA ASN B 172 16.91 -14.66 -29.62
C ASN B 172 16.51 -16.00 -30.17
N ASP B 173 15.26 -16.33 -30.46
CA ASP B 173 14.02 -15.58 -30.30
C ASP B 173 13.24 -16.13 -29.12
N VAL B 174 13.89 -17.01 -28.37
CA VAL B 174 13.33 -17.67 -27.22
C VAL B 174 12.97 -16.78 -26.04
N GLY B 175 13.85 -15.86 -25.71
CA GLY B 175 13.65 -14.96 -24.59
C GLY B 175 12.59 -13.90 -24.83
N LEU B 176 11.87 -14.04 -25.95
CA LEU B 176 10.90 -13.04 -26.37
C LEU B 176 9.82 -12.90 -25.30
N GLU B 177 9.29 -14.00 -24.80
CA GLU B 177 8.22 -13.87 -23.81
C GLU B 177 8.83 -13.56 -22.43
N HIS B 178 10.13 -13.76 -22.23
CA HIS B 178 10.64 -13.21 -20.99
C HIS B 178 10.56 -11.68 -21.10
N LEU B 179 10.94 -11.16 -22.27
CA LEU B 179 11.10 -9.72 -22.44
C LEU B 179 9.75 -9.01 -22.21
N GLU B 180 8.72 -9.52 -22.84
CA GLU B 180 7.40 -8.92 -22.73
C GLU B 180 6.96 -8.90 -21.26
N PHE B 181 7.24 -10.00 -20.57
CA PHE B 181 6.82 -10.14 -19.19
C PHE B 181 7.40 -9.00 -18.37
N ILE B 182 8.69 -8.72 -18.53
CA ILE B 182 9.31 -7.70 -17.70
C ILE B 182 8.69 -6.32 -17.98
N HIS B 183 8.35 -6.06 -19.23
CA HIS B 183 7.85 -4.74 -19.58
C HIS B 183 6.34 -4.56 -19.39
N LEU B 184 5.58 -5.64 -19.49
CA LEU B 184 4.16 -5.57 -19.17
C LEU B 184 3.96 -5.28 -17.67
N HIS B 185 4.88 -5.76 -16.84
CA HIS B 185 4.74 -5.55 -15.40
C HIS B 185 5.51 -4.32 -14.89
N LYS B 186 6.76 -4.18 -15.29
CA LYS B 186 7.59 -3.10 -14.75
C LYS B 186 7.16 -1.70 -15.22
N THR B 187 6.65 -1.60 -16.44
CA THR B 187 6.22 -0.30 -16.95
C THR B 187 4.71 -0.17 -17.17
N ALA B 188 4.16 -1.11 -17.92
CA ALA B 188 2.81 -1.04 -18.45
C ALA B 188 1.73 -1.31 -17.43
N ALA B 189 2.06 -2.02 -16.35
CA ALA B 189 1.04 -2.32 -15.35
C ALA B 189 0.52 -1.01 -14.75
N LEU B 190 1.44 -0.09 -14.48
CA LEU B 190 1.03 1.15 -13.85
C LEU B 190 0.45 2.15 -14.88
N LEU B 191 0.93 2.13 -16.12
CA LEU B 191 0.28 2.89 -17.18
C LEU B 191 -1.17 2.44 -17.34
N GLU B 192 -1.38 1.13 -17.41
CA GLU B 192 -2.74 0.58 -17.48
C GLU B 192 -3.60 1.04 -16.33
N ALA B 193 -3.05 0.96 -15.11
CA ALA B 193 -3.80 1.44 -13.96
C ALA B 193 -4.13 2.92 -14.07
N SER B 194 -3.21 3.78 -14.48
CA SER B 194 -3.59 5.20 -14.56
C SER B 194 -4.67 5.45 -15.63
N ALA B 195 -4.54 4.88 -16.83
CA ALA B 195 -5.62 5.05 -17.83
C ALA B 195 -6.97 4.52 -17.31
N VAL B 196 -6.95 3.30 -16.77
CA VAL B 196 -8.15 2.70 -16.22
C VAL B 196 -8.77 3.51 -15.07
N LEU B 197 -7.95 3.99 -14.15
CA LEU B 197 -8.40 4.86 -13.04
C LEU B 197 -9.10 6.09 -13.58
N GLY B 198 -8.46 6.75 -14.55
CA GLY B 198 -9.05 7.88 -15.24
C GLY B 198 -10.43 7.59 -15.82
N ALA B 199 -10.53 6.45 -16.53
CA ALA B 199 -11.81 6.04 -17.13
C ALA B 199 -12.90 5.74 -16.10
N ILE B 200 -12.53 4.98 -15.07
CA ILE B 200 -13.45 4.56 -14.02
C ILE B 200 -14.03 5.80 -13.36
N VAL B 201 -13.14 6.70 -12.97
CA VAL B 201 -13.56 7.85 -12.20
C VAL B 201 -14.25 8.95 -13.05
N GLY B 202 -14.01 8.97 -14.36
CA GLY B 202 -14.72 9.90 -15.25
C GLY B 202 -16.14 9.49 -15.67
N GLY B 203 -16.57 8.31 -15.25
CA GLY B 203 -17.92 7.83 -15.50
C GLY B 203 -18.01 6.94 -16.72
N GLY B 204 -16.85 6.55 -17.26
CA GLY B 204 -16.81 5.72 -18.44
C GLY B 204 -17.35 4.32 -18.20
N SER B 205 -17.83 3.71 -19.27
CA SER B 205 -18.43 2.38 -19.24
C SER B 205 -17.42 1.26 -19.24
N ASP B 206 -17.87 0.04 -18.95
CA ASP B 206 -16.99 -1.12 -18.88
C ASP B 206 -16.20 -1.41 -20.18
N ASP B 207 -16.46 -0.67 -21.24
CA ASP B 207 -16.04 -0.99 -22.60
C ASP B 207 -15.01 0.04 -23.07
N GLU B 208 -15.34 1.29 -22.77
CA GLU B 208 -14.39 2.39 -22.74
C GLU B 208 -13.18 1.97 -21.91
N ILE B 209 -13.46 1.41 -20.73
CA ILE B 209 -12.42 1.08 -19.76
C ILE B 209 -11.47 0.03 -20.28
N GLU B 210 -11.99 -0.96 -20.98
CA GLU B 210 -11.11 -1.99 -21.49
C GLU B 210 -10.34 -1.51 -22.73
N ARG B 211 -10.93 -0.60 -23.50
CA ARG B 211 -10.20 -0.05 -24.65
C ARG B 211 -9.09 0.92 -24.22
N LEU B 212 -9.32 1.69 -23.17
CA LEU B 212 -8.25 2.50 -22.61
C LEU B 212 -7.19 1.65 -21.91
N ARG B 213 -7.59 0.52 -21.35
CA ARG B 213 -6.60 -0.42 -20.78
C ARG B 213 -5.67 -0.94 -21.87
N LYS B 214 -6.23 -1.37 -23.01
CA LYS B 214 -5.39 -1.86 -24.11
C LYS B 214 -4.51 -0.75 -24.68
N PHE B 215 -5.09 0.44 -24.86
CA PHE B 215 -4.34 1.62 -25.30
C PHE B 215 -3.07 1.83 -24.46
N ALA B 216 -3.29 1.80 -23.14
CA ALA B 216 -2.22 2.03 -22.20
C ALA B 216 -1.16 0.91 -22.27
N ARG B 217 -1.62 -0.34 -22.47
CA ARG B 217 -0.68 -1.46 -22.62
C ARG B 217 0.23 -1.26 -23.81
N CYS B 218 -0.38 -0.76 -24.91
CA CYS B 218 0.36 -0.51 -26.15
C CYS B 218 1.36 0.63 -26.05
N ILE B 219 0.99 1.75 -25.48
CA ILE B 219 2.01 2.79 -25.39
C ILE B 219 3.06 2.46 -24.32
N GLY B 220 2.68 1.59 -23.39
CA GLY B 220 3.62 1.12 -22.37
C GLY B 220 4.73 0.27 -22.97
N LEU B 221 4.34 -0.62 -23.87
CA LEU B 221 5.34 -1.39 -24.60
C LEU B 221 6.11 -0.51 -25.57
N LEU B 222 5.41 0.49 -26.09
CA LEU B 222 5.94 1.37 -27.12
C LEU B 222 7.14 2.19 -26.59
N PHE B 223 7.05 2.71 -25.36
CA PHE B 223 8.17 3.41 -24.67
C PHE B 223 9.48 2.63 -24.84
N GLN B 224 9.39 1.33 -24.51
CA GLN B 224 10.52 0.42 -24.39
C GLN B 224 11.11 0.02 -25.75
N VAL B 225 10.23 -0.32 -26.68
CA VAL B 225 10.70 -0.78 -27.97
C VAL B 225 11.44 0.39 -28.62
N VAL B 226 10.86 1.57 -28.52
CA VAL B 226 11.47 2.74 -29.15
C VAL B 226 12.81 3.14 -28.49
N ASP B 227 12.91 3.15 -27.17
CA ASP B 227 14.21 3.53 -26.61
C ASP B 227 15.30 2.48 -26.90
N ASP B 228 14.92 1.21 -26.92
CA ASP B 228 15.90 0.21 -27.37
C ASP B 228 16.32 0.40 -28.83
N ILE B 229 15.40 0.77 -29.71
CA ILE B 229 15.75 1.01 -31.11
C ILE B 229 16.71 2.20 -31.23
N LEU B 230 16.44 3.27 -30.48
CA LEU B 230 17.34 4.40 -30.50
C LEU B 230 18.72 4.09 -29.93
N ASP B 231 18.84 3.20 -28.96
CA ASP B 231 20.18 2.94 -28.37
C ASP B 231 21.18 2.24 -29.32
N VAL B 232 20.70 1.67 -30.42
CA VAL B 232 21.56 1.07 -31.44
C VAL B 232 21.78 2.03 -32.61
N THR B 233 21.94 3.31 -32.29
CA THR B 233 22.24 4.32 -33.32
C THR B 233 23.44 5.18 -32.89
N LYS B 251 21.20 -5.56 -20.71
CA LYS B 251 21.68 -6.79 -21.32
C LYS B 251 20.63 -7.33 -22.31
N LEU B 252 19.38 -7.16 -21.91
CA LEU B 252 18.24 -7.80 -22.54
C LEU B 252 17.38 -6.81 -23.33
N THR B 253 17.58 -6.75 -24.64
CA THR B 253 16.95 -5.70 -25.43
C THR B 253 16.16 -6.22 -26.64
N TYR B 254 15.29 -5.38 -27.17
CA TYR B 254 14.46 -5.75 -28.31
C TYR B 254 15.23 -5.96 -29.61
N PRO B 255 16.24 -5.14 -29.91
CA PRO B 255 16.91 -5.54 -31.15
C PRO B 255 17.69 -6.85 -31.05
N LYS B 256 18.20 -7.17 -29.87
CA LYS B 256 18.97 -8.40 -29.71
C LYS B 256 18.12 -9.68 -29.52
N ILE B 257 16.90 -9.55 -29.00
CA ILE B 257 15.99 -10.69 -28.88
C ILE B 257 15.06 -10.88 -30.06
N MET B 258 14.76 -9.80 -30.75
CA MET B 258 13.75 -9.82 -31.79
C MET B 258 14.18 -9.04 -33.02
N GLY B 259 14.84 -7.90 -32.78
CA GLY B 259 15.10 -6.83 -33.74
C GLY B 259 16.12 -7.23 -34.77
N LEU B 260 16.64 -6.28 -35.55
CA LEU B 260 16.28 -4.87 -35.49
C LEU B 260 15.06 -4.55 -36.35
N GLU B 261 14.96 -5.21 -37.50
CA GLU B 261 13.85 -4.91 -38.42
C GLU B 261 12.51 -5.27 -37.78
N LYS B 262 12.43 -6.49 -37.23
CA LYS B 262 11.21 -7.00 -36.58
C LYS B 262 10.77 -6.11 -35.41
N SER B 263 11.74 -5.45 -34.77
CA SER B 263 11.46 -4.41 -33.78
C SER B 263 10.82 -3.15 -34.36
N ARG B 264 11.26 -2.70 -35.54
CA ARG B 264 10.64 -1.52 -36.14
C ARG B 264 9.20 -1.83 -36.48
N GLU B 265 8.96 -3.01 -37.05
CA GLU B 265 7.58 -3.33 -37.35
C GLU B 265 6.75 -3.57 -36.10
N PHE B 266 7.34 -4.13 -35.06
CA PHE B 266 6.65 -4.25 -33.78
C PHE B 266 6.21 -2.87 -33.24
N ALA B 267 7.13 -1.89 -33.22
CA ALA B 267 6.82 -0.55 -32.74
C ALA B 267 5.73 0.14 -33.58
N GLU B 268 5.69 -0.16 -34.87
CA GLU B 268 4.64 0.48 -35.67
C GLU B 268 3.31 -0.30 -35.65
N LYS B 269 3.37 -1.59 -35.32
CA LYS B 269 2.17 -2.35 -35.01
C LYS B 269 1.55 -1.81 -33.72
N LEU B 270 2.40 -1.54 -32.73
CA LEU B 270 1.94 -1.06 -31.44
C LEU B 270 1.35 0.32 -31.59
N ASN B 271 1.97 1.17 -32.41
CA ASN B 271 1.39 2.49 -32.63
C ASN B 271 0.03 2.36 -33.31
N ARG B 272 -0.07 1.51 -34.33
CA ARG B 272 -1.37 1.30 -35.00
C ARG B 272 -2.43 0.90 -33.99
N GLU B 273 -2.17 -0.17 -33.22
CA GLU B 273 -3.19 -0.72 -32.31
C GLU B 273 -3.61 0.29 -31.22
N ALA B 274 -2.64 1.07 -30.75
CA ALA B 274 -2.94 2.11 -29.79
C ALA B 274 -3.89 3.11 -30.43
N ARG B 275 -3.61 3.49 -31.68
CA ARG B 275 -4.49 4.44 -32.40
C ARG B 275 -5.87 3.83 -32.67
N ASP B 276 -5.94 2.52 -32.78
CA ASP B 276 -7.22 1.87 -33.08
C ASP B 276 -8.09 1.68 -31.86
N GLN B 277 -7.48 1.72 -30.67
CA GLN B 277 -8.29 1.63 -29.45
C GLN B 277 -9.11 2.91 -29.22
N LEU B 278 -8.81 3.98 -29.95
CA LEU B 278 -9.49 5.26 -29.72
C LEU B 278 -10.67 5.56 -30.63
N LEU B 279 -10.97 4.68 -31.58
CA LEU B 279 -12.14 4.86 -32.43
C LEU B 279 -13.42 4.62 -31.66
N GLY B 280 -14.38 5.55 -31.77
CA GLY B 280 -15.64 5.42 -31.06
C GLY B 280 -15.89 6.53 -30.04
N PHE B 281 -14.80 7.07 -29.50
CA PHE B 281 -14.85 8.29 -28.70
C PHE B 281 -15.05 9.49 -29.60
N ASP B 282 -15.47 10.62 -29.02
CA ASP B 282 -15.78 11.80 -29.83
C ASP B 282 -14.55 12.67 -30.01
N SER B 283 -14.36 13.06 -31.28
CA SER B 283 -13.03 13.06 -31.93
C SER B 283 -12.12 14.21 -31.50
N ASP B 284 -12.57 15.00 -30.54
CA ASP B 284 -11.85 16.20 -30.18
C ASP B 284 -11.28 16.08 -28.77
N LYS B 285 -11.77 15.10 -28.01
CA LYS B 285 -11.16 14.87 -26.73
C LYS B 285 -10.24 13.62 -26.82
N VAL B 286 -10.06 13.09 -28.02
CA VAL B 286 -9.03 12.09 -28.29
C VAL B 286 -7.68 12.66 -28.67
N ALA B 287 -7.67 13.93 -29.08
CA ALA B 287 -6.45 14.58 -29.59
C ALA B 287 -5.20 14.49 -28.69
N PRO B 288 -5.33 14.66 -27.36
CA PRO B 288 -4.12 14.47 -26.55
C PRO B 288 -3.56 13.04 -26.56
N LEU B 289 -4.44 12.05 -26.53
CA LEU B 289 -3.98 10.65 -26.47
C LEU B 289 -3.32 10.25 -27.78
N LEU B 290 -3.90 10.69 -28.88
CA LEU B 290 -3.33 10.46 -30.20
C LEU B 290 -1.97 11.12 -30.29
N ALA B 291 -1.88 12.33 -29.77
CA ALA B 291 -0.63 13.06 -29.88
C ALA B 291 0.44 12.36 -29.06
N LEU B 292 0.11 11.96 -27.84
CA LEU B 292 1.04 11.23 -26.99
C LEU B 292 1.57 9.98 -27.68
N ALA B 293 0.66 9.23 -28.30
CA ALA B 293 1.04 8.02 -29.02
C ALA B 293 2.03 8.32 -30.15
N ASN B 294 1.70 9.28 -31.00
CA ASN B 294 2.57 9.61 -32.13
C ASN B 294 3.90 10.16 -31.65
N TYR B 295 3.87 10.88 -30.55
CA TYR B 295 5.07 11.46 -30.00
C TYR B 295 6.03 10.36 -29.52
N ILE B 296 5.52 9.47 -28.66
CA ILE B 296 6.33 8.34 -28.16
C ILE B 296 6.89 7.52 -29.31
N ALA B 297 6.05 7.29 -30.31
CA ALA B 297 6.39 6.46 -31.46
C ALA B 297 7.53 7.04 -32.30
N TYR B 298 7.58 8.36 -32.45
CA TYR B 298 8.50 8.95 -33.42
C TYR B 298 9.53 9.86 -32.75
N ARG B 299 10.71 9.32 -32.46
CA ARG B 299 11.83 10.12 -31.96
C ARG B 299 13.07 10.02 -32.87
N GLN B 300 14.14 10.73 -32.51
CA GLN B 300 15.36 10.77 -33.33
C GLN B 300 16.64 10.75 -32.47
#